data_6R57
#
_entry.id   6R57
#
_cell.length_a   37.202
_cell.length_b   43.005
_cell.length_c   121.908
_cell.angle_alpha   90.00
_cell.angle_beta   96.71
_cell.angle_gamma   90.00
#
_symmetry.space_group_name_H-M   'P 1 21 1'
#
loop_
_entity.id
_entity.type
_entity.pdbx_description
1 polymer 'Pro-Pro endopeptidase'
2 polymer ACE-GLU-VAL-ASN-PRO-PRO-VAL-LPD
3 non-polymer 'ZINC ION'
4 water water
#
loop_
_entity_poly.entity_id
_entity_poly.type
_entity_poly.pdbx_seq_one_letter_code
_entity_poly.pdbx_strand_id
1 'polypeptide(L)'
;GSHMDSTTIQQNKDTLSQIVVFPTGNYDKNEANAMVNRLANIDGKYLNALKQNNLKIKLLSGKLTDEKEYAYLKGVVPKG
WEGTGKTWDDVPGLGGSTVALRIGFSNKGKGHDAINLELHATAHAIDHIVLNDISKSAQFKQIFAKEGRSLGNVNFLGVY
PAEFFAESFAYYYLNQDTNSKLKSACPQTYSFLQNLAK
;
A,B
2 'polypeptide(L)' (ACE)EVNPPV(LPD) C,D
#
loop_
_chem_comp.id
_chem_comp.type
_chem_comp.name
_chem_comp.formula
ACE non-polymer 'ACETYL GROUP' 'C2 H4 O'
ZN non-polymer 'ZINC ION' 'Zn 2'
#
# COMPACT_ATOMS: atom_id res chain seq x y z
N THR A 7 23.29 -20.23 -17.80
CA THR A 7 22.41 -19.95 -16.68
C THR A 7 20.96 -19.92 -17.15
N THR A 8 20.03 -20.11 -16.21
CA THR A 8 18.62 -20.13 -16.56
C THR A 8 18.14 -18.77 -17.07
N ILE A 9 18.68 -17.69 -16.52
CA ILE A 9 18.27 -16.36 -16.96
C ILE A 9 18.62 -16.16 -18.44
N GLN A 10 19.81 -16.61 -18.83
CA GLN A 10 20.20 -16.52 -20.24
C GLN A 10 19.23 -17.29 -21.12
N GLN A 11 18.88 -18.52 -20.70
CA GLN A 11 17.91 -19.30 -21.45
C GLN A 11 16.58 -18.57 -21.56
N ASN A 12 16.13 -17.98 -20.45
CA ASN A 12 14.88 -17.23 -20.46
C ASN A 12 14.96 -16.01 -21.38
N LYS A 13 16.14 -15.38 -21.43
CA LYS A 13 16.31 -14.26 -22.35
C LYS A 13 16.28 -14.72 -23.79
N ASP A 14 16.85 -15.90 -24.07
CA ASP A 14 16.75 -16.48 -25.41
C ASP A 14 15.31 -16.82 -25.77
N THR A 15 14.58 -17.41 -24.83
CA THR A 15 13.17 -17.70 -25.08
C THR A 15 12.41 -16.41 -25.38
N LEU A 16 12.69 -15.36 -24.61
CA LEU A 16 12.01 -14.07 -24.82
C LEU A 16 12.39 -13.43 -26.15
N SER A 17 13.58 -13.69 -26.66
CA SER A 17 13.96 -13.13 -27.95
C SER A 17 13.06 -13.63 -29.07
N GLN A 18 12.34 -14.73 -28.86
CA GLN A 18 11.40 -15.26 -29.83
C GLN A 18 9.98 -14.76 -29.58
N ILE A 19 9.73 -14.11 -28.45
CA ILE A 19 8.40 -13.66 -28.09
C ILE A 19 8.25 -12.15 -28.14
N VAL A 20 9.30 -11.39 -27.85
CA VAL A 20 9.21 -9.94 -27.78
C VAL A 20 9.25 -9.35 -29.18
N VAL A 21 8.37 -8.38 -29.42
CA VAL A 21 8.31 -7.65 -30.67
C VAL A 21 8.62 -6.19 -30.36
N PHE A 22 9.62 -5.68 -30.97
CA PHE A 22 10.01 -4.30 -30.74
C PHE A 22 9.31 -3.38 -31.74
N PRO A 23 9.09 -2.11 -31.42
CA PRO A 23 8.34 -1.26 -32.34
C PRO A 23 9.24 -0.77 -33.45
N THR A 24 8.61 -0.33 -34.53
CA THR A 24 9.36 0.35 -35.57
C THR A 24 9.57 1.81 -35.16
N GLY A 25 10.55 2.44 -35.78
CA GLY A 25 10.80 3.83 -35.47
C GLY A 25 11.71 3.98 -34.27
N ASN A 26 11.75 5.20 -33.77
CA ASN A 26 12.65 5.53 -32.67
C ASN A 26 12.02 5.15 -31.34
N TYR A 27 12.79 4.48 -30.49
CA TYR A 27 12.34 4.15 -29.15
C TYR A 27 13.57 4.01 -28.26
N ASP A 28 13.34 3.86 -26.96
CA ASP A 28 14.41 3.74 -25.98
C ASP A 28 14.87 2.29 -25.95
N LYS A 29 15.98 2.01 -26.66
CA LYS A 29 16.43 0.63 -26.77
C LYS A 29 16.94 0.09 -25.43
N ASN A 30 17.57 0.95 -24.63
CA ASN A 30 18.09 0.49 -23.34
C ASN A 30 16.98 0.09 -22.40
N GLU A 31 15.89 0.88 -22.34
CA GLU A 31 14.80 0.56 -21.44
C GLU A 31 14.03 -0.67 -21.94
N ALA A 32 13.89 -0.81 -23.25
CA ALA A 32 13.26 -2.02 -23.78
C ALA A 32 14.04 -3.26 -23.39
N ASN A 33 15.37 -3.20 -23.44
CA ASN A 33 16.19 -4.31 -22.97
C ASN A 33 15.99 -4.54 -21.48
N ALA A 34 15.88 -3.45 -20.71
CA ALA A 34 15.65 -3.59 -19.28
C ALA A 34 14.32 -4.28 -18.98
N MET A 35 13.29 -3.98 -19.78
CA MET A 35 12.00 -4.65 -19.61
C MET A 35 12.12 -6.14 -19.90
N VAL A 36 12.86 -6.49 -20.95
CA VAL A 36 13.07 -7.90 -21.28
C VAL A 36 13.83 -8.59 -20.15
N ASN A 37 14.86 -7.93 -19.63
CA ASN A 37 15.65 -8.52 -18.55
C ASN A 37 14.79 -8.81 -17.33
N ARG A 38 13.83 -7.92 -17.02
CA ARG A 38 12.94 -8.16 -15.89
C ARG A 38 11.99 -9.32 -16.17
N LEU A 39 11.50 -9.42 -17.43
CA LEU A 39 10.67 -10.54 -17.80
C LEU A 39 11.42 -11.87 -17.70
N ALA A 40 12.74 -11.85 -17.90
CA ALA A 40 13.52 -13.08 -17.85
C ALA A 40 13.56 -13.70 -16.45
N ASN A 41 13.11 -12.98 -15.43
CA ASN A 41 13.00 -13.56 -14.10
C ASN A 41 11.81 -14.50 -13.96
N ILE A 42 10.86 -14.46 -14.90
CA ILE A 42 9.71 -15.35 -14.85
C ILE A 42 10.18 -16.78 -15.09
N ASP A 43 9.58 -17.73 -14.36
CA ASP A 43 9.96 -19.13 -14.47
C ASP A 43 9.91 -19.59 -15.92
N GLY A 44 10.97 -20.30 -16.33
CA GLY A 44 11.07 -20.70 -17.72
C GLY A 44 9.90 -21.52 -18.22
N LYS A 45 9.26 -22.28 -17.32
CA LYS A 45 8.11 -23.07 -17.74
C LYS A 45 7.02 -22.19 -18.37
N TYR A 46 6.76 -21.02 -17.77
CA TYR A 46 5.74 -20.14 -18.31
C TYR A 46 6.20 -19.49 -19.62
N LEU A 47 7.47 -19.06 -19.67
CA LEU A 47 7.97 -18.43 -20.89
C LEU A 47 7.95 -19.42 -22.05
N ASN A 48 8.36 -20.67 -21.81
CA ASN A 48 8.35 -21.65 -22.89
C ASN A 48 6.93 -21.91 -23.38
N ALA A 49 5.96 -21.92 -22.47
CA ALA A 49 4.57 -22.12 -22.86
C ALA A 49 4.04 -20.94 -23.65
N LEU A 50 4.43 -19.72 -23.28
CA LEU A 50 4.07 -18.56 -24.08
C LEU A 50 4.65 -18.66 -25.49
N LYS A 51 5.93 -19.03 -25.57
CA LYS A 51 6.55 -19.22 -26.87
C LYS A 51 5.82 -20.29 -27.68
N GLN A 52 5.47 -21.40 -27.04
CA GLN A 52 4.83 -22.49 -27.76
C GLN A 52 3.47 -22.06 -28.31
N ASN A 53 2.77 -21.16 -27.60
CA ASN A 53 1.48 -20.66 -28.04
C ASN A 53 1.61 -19.44 -28.96
N ASN A 54 2.82 -19.10 -29.38
N ASN A 54 2.84 -19.11 -29.38
CA ASN A 54 3.04 -17.98 -30.29
CA ASN A 54 3.10 -17.97 -30.26
C ASN A 54 2.57 -16.65 -29.71
C ASN A 54 2.48 -16.69 -29.70
N LEU A 55 2.52 -16.55 -28.38
CA LEU A 55 2.12 -15.30 -27.73
C LEU A 55 3.25 -14.30 -27.92
N LYS A 56 2.93 -13.12 -28.46
CA LYS A 56 3.90 -12.06 -28.66
C LYS A 56 3.76 -11.01 -27.58
N ILE A 57 4.89 -10.56 -27.06
CA ILE A 57 4.95 -9.46 -26.11
C ILE A 57 5.38 -8.22 -26.90
N LYS A 58 4.41 -7.37 -27.21
CA LYS A 58 4.65 -6.21 -28.06
C LYS A 58 5.05 -5.01 -27.21
N LEU A 59 6.26 -4.50 -27.45
CA LEU A 59 6.70 -3.27 -26.81
C LEU A 59 6.39 -2.10 -27.74
N LEU A 60 5.81 -1.05 -27.18
CA LEU A 60 5.24 0.05 -27.95
C LEU A 60 5.92 1.36 -27.61
N SER A 61 6.08 2.22 -28.61
CA SER A 61 6.57 3.57 -28.41
C SER A 61 5.45 4.60 -28.37
N GLY A 62 4.20 4.17 -28.54
CA GLY A 62 3.07 5.07 -28.50
C GLY A 62 1.92 4.50 -27.70
N LYS A 63 0.73 5.06 -27.85
CA LYS A 63 -0.42 4.59 -27.11
C LYS A 63 -0.85 3.21 -27.60
N LEU A 64 -1.41 2.42 -26.68
CA LEU A 64 -1.93 1.10 -27.05
C LEU A 64 -2.94 1.19 -28.18
N THR A 65 -3.87 2.14 -28.09
CA THR A 65 -4.96 2.22 -29.04
C THR A 65 -4.53 2.74 -30.40
N ASP A 66 -3.28 3.16 -30.57
CA ASP A 66 -2.76 3.45 -31.90
C ASP A 66 -2.47 2.19 -32.69
N GLU A 67 -2.42 1.03 -32.03
CA GLU A 67 -2.24 -0.24 -32.71
C GLU A 67 -3.58 -0.71 -33.28
N LYS A 68 -3.53 -1.24 -34.50
CA LYS A 68 -4.76 -1.64 -35.19
C LYS A 68 -5.61 -2.58 -34.35
N GLU A 69 -4.97 -3.52 -33.64
CA GLU A 69 -5.71 -4.54 -32.92
C GLU A 69 -6.36 -4.02 -31.64
N TYR A 70 -6.00 -2.83 -31.18
CA TYR A 70 -6.61 -2.24 -29.99
C TYR A 70 -7.40 -0.98 -30.30
N ALA A 71 -7.55 -0.62 -31.58
CA ALA A 71 -8.30 0.58 -31.91
C ALA A 71 -9.73 0.50 -31.42
N TYR A 72 -10.29 -0.71 -31.31
CA TYR A 72 -11.67 -0.85 -30.84
C TYR A 72 -11.82 -0.41 -29.39
N LEU A 73 -10.72 -0.29 -28.64
CA LEU A 73 -10.75 0.12 -27.25
C LEU A 73 -10.67 1.63 -27.07
N LYS A 74 -10.61 2.40 -28.16
CA LYS A 74 -10.57 3.85 -28.02
C LYS A 74 -11.81 4.35 -27.29
N GLY A 75 -11.60 5.17 -26.27
CA GLY A 75 -12.69 5.70 -25.49
C GLY A 75 -13.31 4.74 -24.50
N VAL A 76 -12.80 3.52 -24.41
CA VAL A 76 -13.36 2.51 -23.51
C VAL A 76 -12.64 2.61 -22.17
N VAL A 77 -13.40 2.60 -21.09
CA VAL A 77 -12.85 2.64 -19.73
C VAL A 77 -12.56 1.21 -19.31
N PRO A 78 -11.32 0.86 -18.98
CA PRO A 78 -11.03 -0.51 -18.57
C PRO A 78 -11.82 -0.91 -17.33
N LYS A 79 -12.07 -2.21 -17.19
CA LYS A 79 -12.72 -2.72 -16.00
C LYS A 79 -11.89 -2.41 -14.77
N GLY A 80 -12.53 -1.85 -13.75
CA GLY A 80 -11.85 -1.44 -12.54
C GLY A 80 -11.24 -0.06 -12.58
N TRP A 81 -11.30 0.61 -13.73
CA TRP A 81 -10.78 1.97 -13.89
C TRP A 81 -11.89 3.00 -13.87
N GLU A 82 -13.11 2.60 -13.49
CA GLU A 82 -14.21 3.54 -13.39
C GLU A 82 -13.85 4.67 -12.44
N GLY A 83 -14.10 5.90 -12.87
CA GLY A 83 -13.86 7.06 -12.04
C GLY A 83 -12.46 7.66 -12.12
N THR A 84 -11.51 6.97 -12.76
CA THR A 84 -10.18 7.55 -12.94
C THR A 84 -10.19 8.66 -13.98
N GLY A 85 -11.21 8.73 -14.82
CA GLY A 85 -11.20 9.65 -15.94
C GLY A 85 -10.33 9.23 -17.09
N LYS A 86 -9.77 8.02 -17.05
CA LYS A 86 -8.90 7.51 -18.09
C LYS A 86 -9.60 6.42 -18.88
N THR A 87 -9.19 6.29 -20.14
CA THR A 87 -9.63 5.22 -21.02
C THR A 87 -8.42 4.39 -21.44
N TRP A 88 -8.68 3.34 -22.22
CA TRP A 88 -7.59 2.51 -22.71
C TRP A 88 -6.56 3.34 -23.46
N ASP A 89 -6.98 4.45 -24.08
CA ASP A 89 -6.04 5.34 -24.74
C ASP A 89 -4.90 5.75 -23.82
N ASP A 90 -5.19 5.90 -22.53
CA ASP A 90 -4.23 6.39 -21.55
C ASP A 90 -3.55 5.28 -20.77
N VAL A 91 -3.92 4.02 -21.00
CA VAL A 91 -3.43 2.91 -20.19
C VAL A 91 -2.13 2.39 -20.79
N PRO A 92 -1.06 2.22 -20.00
CA PRO A 92 0.25 1.90 -20.58
C PRO A 92 0.49 0.42 -20.87
N GLY A 93 -0.37 -0.49 -20.42
CA GLY A 93 -0.13 -1.90 -20.64
C GLY A 93 -1.42 -2.70 -20.65
N LEU A 94 -1.35 -3.86 -21.30
CA LEU A 94 -2.52 -4.70 -21.52
C LEU A 94 -2.06 -6.15 -21.55
N GLY A 95 -2.81 -7.03 -20.88
CA GLY A 95 -2.51 -8.45 -20.89
C GLY A 95 -3.77 -9.29 -20.94
N GLY A 96 -3.61 -10.50 -21.43
CA GLY A 96 -4.70 -11.45 -21.58
C GLY A 96 -4.42 -12.40 -22.72
N SER A 97 -5.22 -12.32 -23.79
N SER A 97 -5.23 -12.32 -23.80
CA SER A 97 -4.93 -13.11 -24.99
CA SER A 97 -4.94 -13.09 -24.99
C SER A 97 -3.76 -12.51 -25.78
C SER A 97 -3.74 -12.53 -25.74
N THR A 98 -3.37 -11.28 -25.49
CA THR A 98 -2.21 -10.64 -26.07
C THR A 98 -1.48 -9.91 -24.96
N VAL A 99 -0.32 -9.34 -25.27
CA VAL A 99 0.42 -8.51 -24.33
C VAL A 99 0.98 -7.32 -25.10
N ALA A 100 0.74 -6.11 -24.60
CA ALA A 100 1.24 -4.90 -25.21
C ALA A 100 1.63 -3.93 -24.11
N LEU A 101 2.81 -3.31 -24.25
CA LEU A 101 3.43 -2.55 -23.18
C LEU A 101 4.12 -1.32 -23.75
N ARG A 102 3.90 -0.17 -23.13
CA ARG A 102 4.59 1.05 -23.53
C ARG A 102 5.95 1.13 -22.84
N ILE A 103 7.00 1.31 -23.67
CA ILE A 103 8.34 1.44 -23.14
C ILE A 103 8.46 2.68 -22.28
N GLY A 104 9.09 2.54 -21.11
CA GLY A 104 9.28 3.63 -20.19
C GLY A 104 8.29 3.68 -19.04
N PHE A 105 7.22 2.89 -19.09
CA PHE A 105 6.16 2.96 -18.08
C PHE A 105 6.19 1.76 -17.13
N SER A 106 7.34 1.11 -16.98
CA SER A 106 7.40 -0.09 -16.14
C SER A 106 7.06 0.22 -14.69
N ASN A 107 7.60 1.31 -14.15
CA ASN A 107 7.61 1.50 -12.71
C ASN A 107 6.25 1.93 -12.18
N LYS A 108 5.98 1.55 -10.93
CA LYS A 108 4.78 1.97 -10.23
C LYS A 108 4.66 3.48 -10.24
N GLY A 109 3.48 3.97 -10.63
CA GLY A 109 3.21 5.39 -10.71
C GLY A 109 3.27 5.97 -12.11
N LYS A 110 3.71 5.18 -13.10
CA LYS A 110 3.81 5.68 -14.48
C LYS A 110 2.52 5.37 -15.23
N GLY A 111 1.46 6.09 -14.83
CA GLY A 111 0.15 5.86 -15.40
C GLY A 111 -0.55 4.63 -14.87
N HIS A 112 -0.04 4.04 -13.80
CA HIS A 112 -0.59 2.83 -13.21
C HIS A 112 0.03 2.69 -11.82
N ASP A 113 -0.52 1.77 -11.03
CA ASP A 113 0.01 1.50 -9.69
C ASP A 113 0.36 0.02 -9.50
N ALA A 114 0.63 -0.69 -10.58
CA ALA A 114 1.15 -2.05 -10.47
C ALA A 114 2.62 -2.03 -10.05
N ILE A 115 3.04 -3.08 -9.36
CA ILE A 115 4.41 -3.16 -8.87
C ILE A 115 5.39 -3.16 -10.04
N ASN A 116 4.97 -3.67 -11.20
CA ASN A 116 5.76 -3.60 -12.42
C ASN A 116 4.83 -3.88 -13.59
N LEU A 117 4.88 -3.02 -14.62
CA LEU A 117 3.90 -3.09 -15.69
C LEU A 117 4.03 -4.40 -16.47
N GLU A 118 5.23 -4.72 -16.96
CA GLU A 118 5.36 -5.84 -17.88
C GLU A 118 5.11 -7.18 -17.20
N LEU A 119 5.49 -7.32 -15.93
N LEU A 119 5.48 -7.32 -15.92
CA LEU A 119 5.23 -8.55 -15.21
CA LEU A 119 5.21 -8.57 -15.23
C LEU A 119 3.73 -8.73 -14.95
C LEU A 119 3.73 -8.74 -14.94
N HIS A 120 3.06 -7.66 -14.53
CA HIS A 120 1.62 -7.73 -14.30
C HIS A 120 0.88 -8.11 -15.58
N ALA A 121 1.20 -7.42 -16.68
CA ALA A 121 0.53 -7.70 -17.94
C ALA A 121 0.81 -9.11 -18.43
N THR A 122 2.07 -9.52 -18.39
CA THR A 122 2.42 -10.86 -18.86
C THR A 122 1.79 -11.93 -17.97
N ALA A 123 1.61 -11.62 -16.68
CA ALA A 123 0.94 -12.57 -15.79
C ALA A 123 -0.49 -12.83 -16.25
N HIS A 124 -1.17 -11.80 -16.79
CA HIS A 124 -2.50 -12.02 -17.33
C HIS A 124 -2.48 -13.02 -18.47
N ALA A 125 -1.48 -12.92 -19.36
CA ALA A 125 -1.40 -13.84 -20.48
C ALA A 125 -1.07 -15.26 -20.00
N ILE A 126 -0.22 -15.37 -18.98
CA ILE A 126 0.09 -16.67 -18.42
C ILE A 126 -1.15 -17.27 -17.77
N ASP A 127 -1.88 -16.46 -17.01
CA ASP A 127 -3.14 -16.90 -16.42
C ASP A 127 -4.10 -17.41 -17.49
N HIS A 128 -4.31 -16.62 -18.53
CA HIS A 128 -5.36 -16.91 -19.51
C HIS A 128 -4.93 -17.99 -20.50
N ILE A 129 -3.74 -17.86 -21.06
CA ILE A 129 -3.29 -18.75 -22.12
C ILE A 129 -2.65 -20.02 -21.58
N VAL A 130 -1.68 -19.87 -20.67
CA VAL A 130 -0.88 -21.01 -20.25
C VAL A 130 -1.62 -21.84 -19.21
N LEU A 131 -2.37 -21.19 -18.32
CA LEU A 131 -2.98 -21.86 -17.17
C LEU A 131 -4.50 -21.93 -17.25
N ASN A 132 -5.07 -21.66 -18.42
CA ASN A 132 -6.50 -21.85 -18.65
C ASN A 132 -7.33 -21.19 -17.56
N ASP A 133 -7.02 -19.91 -17.30
CA ASP A 133 -7.78 -19.06 -16.38
C ASP A 133 -7.83 -19.64 -14.97
N ILE A 134 -6.66 -19.99 -14.45
CA ILE A 134 -6.60 -20.54 -13.11
C ILE A 134 -7.02 -19.53 -12.06
N SER A 135 -6.97 -18.22 -12.39
CA SER A 135 -7.41 -17.21 -11.43
C SER A 135 -8.91 -17.29 -11.15
N LYS A 136 -9.67 -17.94 -12.03
CA LYS A 136 -11.10 -18.14 -11.83
C LYS A 136 -11.42 -19.50 -11.23
N SER A 137 -10.42 -20.34 -10.97
CA SER A 137 -10.66 -21.64 -10.40
C SER A 137 -11.15 -21.52 -8.96
N ALA A 138 -11.83 -22.58 -8.50
CA ALA A 138 -12.34 -22.58 -7.13
C ALA A 138 -11.19 -22.53 -6.14
N GLN A 139 -10.08 -23.19 -6.45
CA GLN A 139 -8.93 -23.18 -5.56
C GLN A 139 -8.43 -21.75 -5.34
N PHE A 140 -8.27 -21.01 -6.44
CA PHE A 140 -7.73 -19.65 -6.30
C PHE A 140 -8.76 -18.71 -5.69
N LYS A 141 -10.04 -18.91 -6.02
CA LYS A 141 -11.08 -18.03 -5.46
C LYS A 141 -11.11 -18.12 -3.94
N GLN A 142 -10.84 -19.31 -3.39
CA GLN A 142 -10.80 -19.43 -1.94
C GLN A 142 -9.59 -18.71 -1.35
N ILE A 143 -8.45 -18.77 -2.05
CA ILE A 143 -7.28 -18.02 -1.61
C ILE A 143 -7.51 -16.53 -1.78
N PHE A 144 -8.12 -16.15 -2.90
CA PHE A 144 -8.43 -14.75 -3.16
C PHE A 144 -9.38 -14.19 -2.12
N ALA A 145 -10.34 -15.00 -1.66
CA ALA A 145 -11.29 -14.54 -0.66
C ALA A 145 -10.61 -14.18 0.65
N LYS A 146 -9.54 -14.90 1.00
CA LYS A 146 -8.85 -14.65 2.26
C LYS A 146 -7.80 -13.54 2.15
N GLU A 147 -7.04 -13.52 1.07
CA GLU A 147 -5.85 -12.68 0.99
C GLU A 147 -5.92 -11.58 -0.06
N GLY A 148 -7.00 -11.49 -0.82
CA GLY A 148 -7.09 -10.54 -1.93
C GLY A 148 -7.08 -9.07 -1.53
N ARG A 149 -7.27 -8.77 -0.24
CA ARG A 149 -7.27 -7.39 0.23
C ARG A 149 -6.02 -7.06 1.04
N SER A 150 -4.98 -7.88 0.90
CA SER A 150 -3.76 -7.73 1.69
C SER A 150 -2.61 -7.14 0.89
N LEU A 151 -2.82 -6.81 -0.37
CA LEU A 151 -1.78 -6.22 -1.21
C LEU A 151 -2.09 -4.78 -1.58
N GLY A 152 -3.04 -4.14 -0.90
CA GLY A 152 -3.44 -2.79 -1.25
C GLY A 152 -4.40 -2.77 -2.42
N ASN A 153 -4.77 -1.55 -2.81
CA ASN A 153 -5.71 -1.32 -3.92
C ASN A 153 -6.89 -2.29 -3.85
N VAL A 154 -7.57 -2.26 -2.70
CA VAL A 154 -8.54 -3.31 -2.40
C VAL A 154 -9.78 -3.19 -3.28
N ASN A 155 -10.09 -1.99 -3.76
CA ASN A 155 -11.21 -1.84 -4.68
C ASN A 155 -10.92 -2.41 -6.05
N PHE A 156 -9.70 -2.86 -6.31
CA PHE A 156 -9.30 -3.44 -7.59
C PHE A 156 -8.76 -4.85 -7.41
N LEU A 157 -7.65 -5.00 -6.69
CA LEU A 157 -7.11 -6.33 -6.43
C LEU A 157 -8.05 -7.16 -5.57
N GLY A 158 -8.77 -6.52 -4.64
CA GLY A 158 -9.67 -7.25 -3.76
C GLY A 158 -10.98 -7.65 -4.39
N VAL A 159 -11.24 -7.20 -5.63
CA VAL A 159 -12.51 -7.47 -6.29
C VAL A 159 -12.36 -8.35 -7.52
N TYR A 160 -11.21 -8.32 -8.18
CA TYR A 160 -10.99 -9.08 -9.42
C TYR A 160 -9.91 -10.12 -9.21
N PRO A 161 -10.25 -11.40 -9.07
CA PRO A 161 -9.20 -12.41 -8.81
C PRO A 161 -8.14 -12.48 -9.89
N ALA A 162 -8.49 -12.24 -11.15
CA ALA A 162 -7.45 -12.21 -12.19
C ALA A 162 -6.45 -11.10 -11.94
N GLU A 163 -6.90 -9.96 -11.39
CA GLU A 163 -5.98 -8.88 -11.10
C GLU A 163 -5.14 -9.20 -9.87
N PHE A 164 -5.75 -9.81 -8.84
CA PHE A 164 -4.98 -10.24 -7.69
C PHE A 164 -3.94 -11.28 -8.09
N PHE A 165 -4.31 -12.20 -8.98
CA PHE A 165 -3.35 -13.18 -9.48
C PHE A 165 -2.19 -12.49 -10.18
N ALA A 166 -2.50 -11.59 -11.10
CA ALA A 166 -1.46 -10.95 -11.90
C ALA A 166 -0.51 -10.13 -11.03
N GLU A 167 -1.04 -9.39 -10.06
CA GLU A 167 -0.18 -8.56 -9.22
C GLU A 167 0.65 -9.43 -8.28
N SER A 168 0.04 -10.45 -7.69
N SER A 168 0.05 -10.46 -7.70
CA SER A 168 0.80 -11.40 -6.87
CA SER A 168 0.82 -11.38 -6.86
C SER A 168 1.91 -12.03 -7.68
C SER A 168 1.92 -12.06 -7.67
N PHE A 169 1.58 -12.51 -8.88
CA PHE A 169 2.59 -13.06 -9.79
C PHE A 169 3.73 -12.07 -9.99
N ALA A 170 3.39 -10.80 -10.20
CA ALA A 170 4.42 -9.78 -10.40
C ALA A 170 5.29 -9.63 -9.17
N TYR A 171 4.68 -9.58 -7.98
CA TYR A 171 5.45 -9.52 -6.75
C TYR A 171 6.39 -10.71 -6.64
N TYR A 172 5.90 -11.91 -6.98
CA TYR A 172 6.69 -13.11 -6.80
C TYR A 172 7.96 -13.08 -7.63
N TYR A 173 7.90 -12.55 -8.85
CA TYR A 173 9.00 -12.68 -9.80
C TYR A 173 9.79 -11.41 -10.04
N LEU A 174 9.33 -10.24 -9.57
CA LEU A 174 10.04 -9.01 -9.90
C LEU A 174 11.45 -9.02 -9.31
N ASN A 175 11.56 -9.18 -8.00
CA ASN A 175 12.86 -9.28 -7.35
C ASN A 175 12.68 -9.89 -5.96
N GLN A 176 13.79 -10.08 -5.27
CA GLN A 176 13.76 -10.76 -3.98
C GLN A 176 12.97 -9.97 -2.95
N ASP A 177 13.03 -8.64 -3.00
CA ASP A 177 12.31 -7.82 -2.03
C ASP A 177 10.80 -8.00 -2.17
N THR A 178 10.28 -7.89 -3.40
CA THR A 178 8.84 -8.04 -3.58
C THR A 178 8.40 -9.48 -3.33
N ASN A 179 9.25 -10.45 -3.68
CA ASN A 179 8.96 -11.84 -3.38
C ASN A 179 8.80 -12.05 -1.88
N SER A 180 9.67 -11.44 -1.07
N SER A 180 9.67 -11.44 -1.07
CA SER A 180 9.54 -11.55 0.38
CA SER A 180 9.54 -11.56 0.38
C SER A 180 8.28 -10.86 0.87
C SER A 180 8.28 -10.85 0.88
N LYS A 181 7.97 -9.67 0.33
CA LYS A 181 6.78 -8.95 0.76
C LYS A 181 5.53 -9.77 0.50
N LEU A 182 5.44 -10.41 -0.67
CA LEU A 182 4.29 -11.27 -0.95
C LEU A 182 4.19 -12.41 0.05
N LYS A 183 5.33 -13.05 0.36
CA LYS A 183 5.29 -14.17 1.29
C LYS A 183 4.74 -13.74 2.64
N SER A 184 5.10 -12.55 3.10
N SER A 184 5.11 -12.55 3.11
CA SER A 184 4.63 -12.08 4.40
CA SER A 184 4.61 -12.08 4.40
C SER A 184 3.16 -11.64 4.34
C SER A 184 3.15 -11.68 4.33
N ALA A 185 2.76 -11.00 3.25
CA ALA A 185 1.39 -10.47 3.16
C ALA A 185 0.38 -11.53 2.76
N CYS A 186 0.74 -12.41 1.84
CA CYS A 186 -0.20 -13.37 1.23
C CYS A 186 0.42 -14.75 1.22
N PRO A 187 0.54 -15.39 2.39
CA PRO A 187 1.26 -16.68 2.45
C PRO A 187 0.62 -17.79 1.63
N GLN A 188 -0.72 -17.85 1.59
CA GLN A 188 -1.36 -18.91 0.82
C GLN A 188 -1.19 -18.68 -0.67
N THR A 189 -1.28 -17.42 -1.11
CA THR A 189 -0.98 -17.09 -2.49
C THR A 189 0.46 -17.43 -2.85
N TYR A 190 1.40 -17.10 -1.95
CA TYR A 190 2.81 -17.39 -2.20
C TYR A 190 3.03 -18.88 -2.39
N SER A 191 2.50 -19.70 -1.48
CA SER A 191 2.63 -21.14 -1.60
C SER A 191 1.97 -21.65 -2.88
N PHE A 192 0.82 -21.06 -3.23
CA PHE A 192 0.13 -21.43 -4.46
C PHE A 192 1.01 -21.21 -5.69
N LEU A 193 1.62 -20.04 -5.80
CA LEU A 193 2.50 -19.76 -6.93
C LEU A 193 3.72 -20.66 -6.90
N GLN A 194 4.28 -20.88 -5.71
CA GLN A 194 5.44 -21.76 -5.57
C GLN A 194 5.13 -23.16 -6.12
N ASN A 195 3.97 -23.71 -5.75
N ASN A 195 3.97 -23.72 -5.74
CA ASN A 195 3.58 -25.02 -6.25
CA ASN A 195 3.59 -25.03 -6.25
C ASN A 195 3.23 -24.98 -7.73
C ASN A 195 3.25 -24.97 -7.74
N LEU A 196 2.68 -23.85 -8.19
CA LEU A 196 2.32 -23.72 -9.61
C LEU A 196 3.52 -23.97 -10.51
N ALA A 197 4.72 -23.53 -10.09
CA ALA A 197 5.90 -23.63 -10.92
C ALA A 197 6.56 -25.01 -10.88
N LYS A 198 6.14 -25.88 -9.98
CA LYS A 198 6.73 -27.20 -9.86
C LYS A 198 6.35 -28.10 -11.04
N THR B 7 -19.74 13.45 13.36
CA THR B 7 -20.31 12.28 12.68
C THR B 7 -20.17 12.39 11.17
N THR B 8 -20.48 13.57 10.63
CA THR B 8 -20.28 13.86 9.22
C THR B 8 -18.95 14.58 9.03
N ILE B 9 -18.46 14.59 7.79
CA ILE B 9 -17.18 15.23 7.51
C ILE B 9 -17.25 16.71 7.81
N GLN B 10 -18.36 17.36 7.47
CA GLN B 10 -18.51 18.78 7.78
C GLN B 10 -18.37 19.01 9.28
N GLN B 11 -19.05 18.19 10.09
CA GLN B 11 -18.95 18.30 11.54
C GLN B 11 -17.52 18.08 12.02
N ASN B 12 -16.85 17.06 11.49
CA ASN B 12 -15.49 16.78 11.95
C ASN B 12 -14.54 17.92 11.59
N LYS B 13 -14.69 18.49 10.39
CA LYS B 13 -13.83 19.61 10.03
C LYS B 13 -14.17 20.86 10.83
N ASP B 14 -15.44 21.04 11.21
CA ASP B 14 -15.76 22.13 12.12
C ASP B 14 -15.06 21.92 13.45
N THR B 15 -15.11 20.68 13.98
CA THR B 15 -14.39 20.38 15.21
C THR B 15 -12.90 20.59 15.06
N LEU B 16 -12.33 20.14 13.94
CA LEU B 16 -10.89 20.25 13.74
C LEU B 16 -10.46 21.71 13.63
N SER B 17 -11.34 22.58 13.14
CA SER B 17 -10.99 24.00 13.08
C SER B 17 -10.82 24.59 14.47
N GLN B 18 -11.35 23.94 15.51
CA GLN B 18 -11.17 24.41 16.87
C GLN B 18 -10.04 23.73 17.63
N ILE B 19 -9.53 22.59 17.16
CA ILE B 19 -8.48 21.88 17.88
C ILE B 19 -7.15 21.87 17.13
N VAL B 20 -7.15 21.98 15.80
CA VAL B 20 -5.90 22.03 15.05
C VAL B 20 -5.30 23.41 15.23
N VAL B 21 -3.99 23.46 15.50
CA VAL B 21 -3.27 24.70 15.68
C VAL B 21 -2.22 24.79 14.59
N PHE B 22 -2.30 25.83 13.77
CA PHE B 22 -1.31 25.95 12.72
C PHE B 22 -0.11 26.76 13.20
N PRO B 23 1.06 26.52 12.63
CA PRO B 23 2.29 27.14 13.10
C PRO B 23 2.55 28.52 12.51
N THR B 24 3.56 29.17 13.09
CA THR B 24 4.12 30.37 12.49
C THR B 24 5.02 29.99 11.31
N GLY B 25 5.29 30.96 10.48
CA GLY B 25 6.17 30.80 9.34
C GLY B 25 5.49 30.25 8.11
N ASN B 26 6.30 30.08 7.08
CA ASN B 26 5.85 29.61 5.77
C ASN B 26 6.02 28.10 5.70
N TYR B 27 4.99 27.42 5.20
CA TYR B 27 5.00 25.98 5.03
C TYR B 27 4.03 25.64 3.90
N ASP B 28 3.93 24.36 3.58
CA ASP B 28 3.06 23.90 2.50
C ASP B 28 1.63 23.88 3.06
N LYS B 29 0.88 24.95 2.78
CA LYS B 29 -0.47 25.06 3.35
C LYS B 29 -1.40 24.01 2.77
N ASN B 30 -1.22 23.63 1.51
CA ASN B 30 -2.04 22.57 0.94
C ASN B 30 -1.81 21.24 1.67
N GLU B 31 -0.56 20.95 2.02
CA GLU B 31 -0.28 19.70 2.75
C GLU B 31 -0.83 19.75 4.16
N ALA B 32 -0.82 20.91 4.81
CA ALA B 32 -1.47 21.02 6.11
C ALA B 32 -2.96 20.73 5.98
N ASN B 33 -3.59 21.21 4.93
N ASN B 33 -3.60 21.24 4.94
CA ASN B 33 -5.00 20.93 4.72
CA ASN B 33 -5.01 20.93 4.70
C ASN B 33 -5.24 19.45 4.49
C ASN B 33 -5.21 19.43 4.53
N ALA B 34 -4.34 18.78 3.78
CA ALA B 34 -4.47 17.34 3.54
C ALA B 34 -4.39 16.57 4.85
N MET B 35 -3.53 17.01 5.77
CA MET B 35 -3.46 16.36 7.07
C MET B 35 -4.78 16.51 7.82
N VAL B 36 -5.39 17.69 7.74
CA VAL B 36 -6.69 17.90 8.38
C VAL B 36 -7.73 16.98 7.75
N ASN B 37 -7.72 16.85 6.42
CA ASN B 37 -8.67 15.97 5.77
C ASN B 37 -8.51 14.52 6.22
N ARG B 38 -7.27 14.08 6.43
CA ARG B 38 -7.07 12.71 6.90
C ARG B 38 -7.52 12.54 8.35
N LEU B 39 -7.28 13.56 9.18
CA LEU B 39 -7.78 13.51 10.55
C LEU B 39 -9.30 13.49 10.58
N ALA B 40 -9.95 14.09 9.59
CA ALA B 40 -11.41 14.12 9.57
C ALA B 40 -12.03 12.75 9.34
N ASN B 41 -11.24 11.74 8.95
CA ASN B 41 -11.75 10.38 8.87
C ASN B 41 -11.92 9.74 10.24
N ILE B 42 -11.32 10.32 11.29
CA ILE B 42 -11.50 9.78 12.63
C ILE B 42 -12.94 9.99 13.06
N ASP B 43 -13.51 9.00 13.75
CA ASP B 43 -14.89 9.10 14.21
C ASP B 43 -15.07 10.36 15.04
N GLY B 44 -16.13 11.11 14.73
CA GLY B 44 -16.34 12.39 15.38
C GLY B 44 -16.41 12.32 16.89
N LYS B 45 -16.89 11.21 17.44
CA LYS B 45 -16.96 11.09 18.89
C LYS B 45 -15.59 11.31 19.53
N TYR B 46 -14.54 10.76 18.93
CA TYR B 46 -13.20 10.93 19.48
C TYR B 46 -12.71 12.36 19.31
N LEU B 47 -12.94 12.97 18.16
CA LEU B 47 -12.48 14.34 17.95
C LEU B 47 -13.13 15.30 18.92
N ASN B 48 -14.44 15.17 19.12
CA ASN B 48 -15.15 16.03 20.07
C ASN B 48 -14.70 15.77 21.50
N ALA B 49 -14.37 14.51 21.84
CA ALA B 49 -13.85 14.25 23.18
C ALA B 49 -12.50 14.89 23.38
N LEU B 50 -11.66 14.89 22.33
CA LEU B 50 -10.39 15.63 22.41
C LEU B 50 -10.66 17.11 22.62
N LYS B 51 -11.61 17.67 21.86
CA LYS B 51 -11.97 19.07 22.04
C LYS B 51 -12.47 19.33 23.47
N GLN B 52 -13.23 18.39 24.03
CA GLN B 52 -13.73 18.55 25.39
C GLN B 52 -12.60 18.67 26.41
N ASN B 53 -11.49 17.97 26.18
CA ASN B 53 -10.34 18.03 27.08
C ASN B 53 -9.35 19.11 26.68
N ASN B 54 -9.69 19.97 25.72
CA ASN B 54 -8.83 21.06 25.27
C ASN B 54 -7.51 20.53 24.72
N LEU B 55 -7.55 19.38 24.07
CA LEU B 55 -6.38 18.82 23.39
C LEU B 55 -6.20 19.53 22.05
N LYS B 56 -5.00 20.04 21.81
CA LYS B 56 -4.66 20.68 20.56
C LYS B 56 -3.83 19.75 19.70
N ILE B 57 -4.14 19.71 18.41
CA ILE B 57 -3.35 18.99 17.42
C ILE B 57 -2.47 20.05 16.78
N LYS B 58 -1.22 20.12 17.22
CA LYS B 58 -0.29 21.17 16.79
C LYS B 58 0.46 20.71 15.56
N LEU B 59 0.30 21.44 14.45
CA LEU B 59 1.07 21.20 13.25
C LEU B 59 2.27 22.13 13.26
N LEU B 60 3.45 21.59 12.95
CA LEU B 60 4.70 22.29 13.13
C LEU B 60 5.39 22.51 11.79
N SER B 61 6.03 23.66 11.66
CA SER B 61 6.86 23.97 10.50
C SER B 61 8.34 23.72 10.78
N GLY B 62 8.69 23.29 11.99
CA GLY B 62 10.06 23.00 12.34
C GLY B 62 10.16 21.72 13.15
N LYS B 63 11.29 21.53 13.83
CA LYS B 63 11.49 20.33 14.63
C LYS B 63 10.59 20.34 15.86
N LEU B 64 10.26 19.14 16.34
CA LEU B 64 9.46 19.03 17.56
C LEU B 64 10.10 19.82 18.69
N THR B 65 11.41 19.62 18.87
CA THR B 65 12.15 20.22 19.97
C THR B 65 12.42 21.70 19.76
N ASP B 66 12.07 22.26 18.60
CA ASP B 66 12.11 23.71 18.44
C ASP B 66 10.96 24.39 19.16
N GLU B 67 9.93 23.63 19.55
CA GLU B 67 8.83 24.18 20.32
C GLU B 67 9.23 24.27 21.79
N LYS B 68 8.88 25.40 22.41
CA LYS B 68 9.28 25.64 23.79
C LYS B 68 8.86 24.50 24.71
N GLU B 69 7.66 23.95 24.50
CA GLU B 69 7.13 22.95 25.41
C GLU B 69 7.77 21.58 25.24
N TYR B 70 8.52 21.36 24.16
CA TYR B 70 9.22 20.10 23.93
C TYR B 70 10.74 20.26 23.97
N ALA B 71 11.23 21.45 24.34
CA ALA B 71 12.67 21.65 24.42
C ALA B 71 13.32 20.68 25.40
N TYR B 72 12.59 20.25 26.42
CA TYR B 72 13.14 19.31 27.38
C TYR B 72 13.46 17.95 26.77
N LEU B 73 12.93 17.66 25.58
CA LEU B 73 13.20 16.40 24.90
C LEU B 73 14.45 16.43 24.04
N LYS B 74 15.16 17.56 24.00
CA LYS B 74 16.39 17.65 23.21
C LYS B 74 17.40 16.63 23.69
N GLY B 75 17.93 15.84 22.75
CA GLY B 75 18.92 14.84 23.06
C GLY B 75 18.39 13.57 23.70
N VAL B 76 17.08 13.46 23.91
CA VAL B 76 16.48 12.30 24.56
C VAL B 76 16.11 11.27 23.51
N VAL B 77 16.42 10.00 23.78
CA VAL B 77 16.12 8.90 22.88
C VAL B 77 14.70 8.42 23.17
N PRO B 78 13.78 8.45 22.21
CA PRO B 78 12.41 7.98 22.47
C PRO B 78 12.38 6.50 22.83
N LYS B 79 11.33 6.12 23.54
CA LYS B 79 11.08 4.72 23.86
C LYS B 79 10.97 3.91 22.57
N GLY B 80 11.73 2.81 22.50
CA GLY B 80 11.69 1.96 21.34
C GLY B 80 12.58 2.38 20.19
N TRP B 81 13.24 3.54 20.29
CA TRP B 81 14.12 4.03 19.24
C TRP B 81 15.59 3.81 19.55
N GLU B 82 15.91 3.04 20.58
CA GLU B 82 17.30 2.71 20.87
C GLU B 82 17.93 2.02 19.67
N GLY B 83 19.13 2.44 19.29
CA GLY B 83 19.85 1.86 18.18
C GLY B 83 19.59 2.50 16.84
N THR B 84 18.58 3.37 16.74
CA THR B 84 18.37 4.12 15.52
C THR B 84 19.39 5.23 15.33
N GLY B 85 20.08 5.62 16.40
CA GLY B 85 20.95 6.78 16.35
C GLY B 85 20.23 8.10 16.36
N LYS B 86 18.91 8.10 16.59
CA LYS B 86 18.11 9.30 16.57
C LYS B 86 17.64 9.66 17.98
N THR B 87 17.37 10.95 18.17
CA THR B 87 16.76 11.47 19.39
C THR B 87 15.44 12.13 19.02
N TRP B 88 14.72 12.63 20.03
CA TRP B 88 13.46 13.30 19.78
C TRP B 88 13.63 14.46 18.79
N ASP B 89 14.82 15.07 18.76
CA ASP B 89 15.09 16.14 17.82
C ASP B 89 14.78 15.73 16.38
N ASP B 90 14.96 14.45 16.06
CA ASP B 90 14.80 13.94 14.70
C ASP B 90 13.44 13.32 14.44
N VAL B 91 12.59 13.23 15.47
CA VAL B 91 11.33 12.51 15.36
C VAL B 91 10.22 13.46 14.89
N PRO B 92 9.44 13.09 13.87
CA PRO B 92 8.50 14.05 13.28
C PRO B 92 7.16 14.18 13.96
N GLY B 93 6.82 13.33 14.93
CA GLY B 93 5.51 13.38 15.55
C GLY B 93 5.52 12.85 16.96
N LEU B 94 4.54 13.31 17.73
CA LEU B 94 4.43 12.99 19.14
C LEU B 94 2.96 12.97 19.52
N GLY B 95 2.55 11.97 20.30
CA GLY B 95 1.19 11.90 20.79
C GLY B 95 1.15 11.35 22.20
N GLY B 96 0.06 11.71 22.90
CA GLY B 96 -0.14 11.31 24.27
C GLY B 96 -0.96 12.34 25.02
N SER B 97 -0.35 12.99 26.02
N SER B 97 -0.35 12.99 26.02
CA SER B 97 -1.02 14.11 26.67
CA SER B 97 -1.01 14.11 26.68
C SER B 97 -1.10 15.32 25.76
C SER B 97 -1.10 15.32 25.76
N THR B 98 -0.29 15.36 24.70
CA THR B 98 -0.35 16.41 23.70
C THR B 98 -0.19 15.74 22.34
N VAL B 99 -0.34 16.53 21.28
CA VAL B 99 -0.13 16.05 19.92
C VAL B 99 0.63 17.13 19.15
N ALA B 100 1.73 16.75 18.52
CA ALA B 100 2.53 17.68 17.73
C ALA B 100 3.07 16.93 16.52
N LEU B 101 2.96 17.55 15.35
CA LEU B 101 3.20 16.88 14.08
C LEU B 101 3.91 17.83 13.13
N ARG B 102 4.95 17.34 12.46
CA ARG B 102 5.67 18.12 11.47
C ARG B 102 4.96 18.05 10.13
N ILE B 103 4.60 19.21 9.58
CA ILE B 103 3.94 19.27 8.29
C ILE B 103 4.87 18.71 7.22
N GLY B 104 4.33 17.85 6.35
CA GLY B 104 5.08 17.23 5.29
C GLY B 104 5.58 15.84 5.58
N PHE B 105 5.50 15.38 6.84
CA PHE B 105 6.04 14.08 7.24
C PHE B 105 4.94 13.04 7.49
N SER B 106 3.76 13.24 6.89
CA SER B 106 2.66 12.32 7.16
C SER B 106 2.97 10.90 6.73
N ASN B 107 3.56 10.73 5.54
CA ASN B 107 3.60 9.42 4.91
C ASN B 107 4.64 8.51 5.55
N LYS B 108 4.36 7.22 5.49
CA LYS B 108 5.30 6.20 5.95
C LYS B 108 6.64 6.38 5.24
N GLY B 109 7.71 6.38 6.03
CA GLY B 109 9.05 6.57 5.50
C GLY B 109 9.61 7.96 5.66
N LYS B 110 8.82 8.93 6.11
CA LYS B 110 9.29 10.30 6.30
C LYS B 110 9.78 10.50 7.74
N GLY B 111 10.89 9.84 8.05
CA GLY B 111 11.41 9.87 9.40
C GLY B 111 10.66 9.00 10.38
N HIS B 112 9.80 8.12 9.88
CA HIS B 112 9.00 7.22 10.70
C HIS B 112 8.46 6.14 9.79
N ASP B 113 7.90 5.09 10.39
CA ASP B 113 7.31 3.99 9.63
C ASP B 113 5.86 3.75 10.04
N ALA B 114 5.19 4.76 10.60
CA ALA B 114 3.77 4.67 10.86
C ALA B 114 2.99 4.76 9.55
N ILE B 115 1.83 4.09 9.52
CA ILE B 115 1.03 4.10 8.30
C ILE B 115 0.59 5.52 7.97
N ASN B 116 0.43 6.36 8.99
CA ASN B 116 0.18 7.79 8.80
C ASN B 116 0.49 8.49 10.12
N LEU B 117 1.30 9.54 10.04
CA LEU B 117 1.83 10.17 11.25
C LEU B 117 0.72 10.76 12.11
N GLU B 118 -0.14 11.59 11.51
CA GLU B 118 -1.10 12.35 12.31
C GLU B 118 -2.16 11.44 12.93
N LEU B 119 -2.59 10.40 12.22
N LEU B 119 -2.59 10.40 12.22
CA LEU B 119 -3.55 9.47 12.79
CA LEU B 119 -3.56 9.46 12.80
C LEU B 119 -2.91 8.65 13.92
C LEU B 119 -2.91 8.65 13.92
N HIS B 120 -1.67 8.20 13.71
CA HIS B 120 -0.98 7.46 14.76
C HIS B 120 -0.81 8.31 16.02
N ALA B 121 -0.30 9.54 15.85
CA ALA B 121 -0.08 10.40 17.00
C ALA B 121 -1.40 10.75 17.69
N THR B 122 -2.42 11.10 16.91
CA THR B 122 -3.70 11.45 17.52
C THR B 122 -4.31 10.23 18.22
N ALA B 123 -4.04 9.03 17.70
CA ALA B 123 -4.53 7.81 18.35
C ALA B 123 -3.95 7.65 19.75
N HIS B 124 -2.68 8.04 19.94
CA HIS B 124 -2.11 8.02 21.28
C HIS B 124 -2.89 8.92 22.22
N ALA B 125 -3.29 10.10 21.74
CA ALA B 125 -4.04 11.04 22.57
C ALA B 125 -5.43 10.50 22.89
N ILE B 126 -6.08 9.87 21.91
CA ILE B 126 -7.39 9.29 22.16
C ILE B 126 -7.28 8.18 23.19
N ASP B 127 -6.28 7.32 23.03
CA ASP B 127 -5.99 6.28 24.01
C ASP B 127 -5.79 6.86 25.40
N HIS B 128 -4.92 7.87 25.51
CA HIS B 128 -4.52 8.34 26.83
C HIS B 128 -5.53 9.28 27.44
N ILE B 129 -6.00 10.26 26.68
CA ILE B 129 -6.86 11.32 27.24
C ILE B 129 -8.31 10.89 27.25
N VAL B 130 -8.82 10.44 26.11
CA VAL B 130 -10.25 10.16 25.98
C VAL B 130 -10.62 8.82 26.61
N LEU B 131 -9.74 7.81 26.48
CA LEU B 131 -10.07 6.45 26.85
C LEU B 131 -9.27 5.94 28.05
N ASN B 132 -8.62 6.84 28.79
CA ASN B 132 -7.95 6.49 30.04
C ASN B 132 -7.03 5.28 29.86
N ASP B 133 -6.17 5.36 28.84
CA ASP B 133 -5.14 4.36 28.58
C ASP B 133 -5.77 2.98 28.36
N ILE B 134 -6.76 2.92 27.47
CA ILE B 134 -7.43 1.65 27.19
C ILE B 134 -6.48 0.63 26.58
N SER B 135 -5.35 1.07 26.01
CA SER B 135 -4.39 0.13 25.47
C SER B 135 -3.75 -0.72 26.55
N LYS B 136 -3.81 -0.28 27.80
CA LYS B 136 -3.31 -1.04 28.95
C LYS B 136 -4.41 -1.84 29.65
N SER B 137 -5.65 -1.77 29.18
CA SER B 137 -6.72 -2.53 29.79
C SER B 137 -6.51 -4.03 29.55
N ALA B 138 -7.15 -4.84 30.39
CA ALA B 138 -6.96 -6.29 30.30
C ALA B 138 -7.46 -6.84 28.96
N GLN B 139 -8.57 -6.32 28.46
CA GLN B 139 -9.11 -6.83 27.20
C GLN B 139 -8.14 -6.58 26.05
N PHE B 140 -7.60 -5.37 25.95
CA PHE B 140 -6.70 -5.09 24.83
C PHE B 140 -5.37 -5.80 25.00
N LYS B 141 -4.90 -5.94 26.24
CA LYS B 141 -3.63 -6.64 26.46
C LYS B 141 -3.69 -8.06 25.95
N GLN B 142 -4.84 -8.72 26.10
CA GLN B 142 -4.96 -10.09 25.59
C GLN B 142 -5.00 -10.11 24.07
N ILE B 143 -5.63 -9.10 23.45
CA ILE B 143 -5.62 -9.00 22.00
C ILE B 143 -4.22 -8.68 21.50
N PHE B 144 -3.53 -7.77 22.19
CA PHE B 144 -2.16 -7.41 21.81
C PHE B 144 -1.22 -8.60 21.87
N ALA B 145 -1.41 -9.48 22.86
CA ALA B 145 -0.54 -10.64 23.00
C ALA B 145 -0.66 -11.57 21.80
N LYS B 146 -1.84 -11.68 21.19
CA LYS B 146 -2.02 -12.57 20.06
C LYS B 146 -1.68 -11.91 18.72
N GLU B 147 -2.06 -10.64 18.53
CA GLU B 147 -2.02 -10.00 17.23
C GLU B 147 -0.99 -8.89 17.14
N GLY B 148 -0.26 -8.60 18.21
CA GLY B 148 0.67 -7.48 18.22
C GLY B 148 1.83 -7.61 17.26
N ARG B 149 2.05 -8.80 16.70
CA ARG B 149 3.12 -9.02 15.73
C ARG B 149 2.58 -9.26 14.31
N SER B 150 1.33 -8.88 14.05
CA SER B 150 0.68 -9.15 12.78
C SER B 150 0.57 -7.92 11.89
N LEU B 151 1.04 -6.76 12.33
CA LEU B 151 1.02 -5.53 11.54
C LEU B 151 2.42 -5.08 11.12
N GLY B 152 3.42 -5.95 11.22
CA GLY B 152 4.77 -5.56 10.91
C GLY B 152 5.43 -4.86 12.07
N ASN B 153 6.69 -4.46 11.85
CA ASN B 153 7.51 -3.79 12.85
C ASN B 153 7.33 -4.47 14.21
N VAL B 154 7.60 -5.78 14.22
CA VAL B 154 7.20 -6.61 15.35
C VAL B 154 8.04 -6.33 16.58
N ASN B 155 9.29 -5.87 16.40
CA ASN B 155 10.13 -5.51 17.54
C ASN B 155 9.70 -4.20 18.19
N PHE B 156 8.71 -3.51 17.61
CA PHE B 156 8.19 -2.27 18.16
C PHE B 156 6.70 -2.38 18.45
N LEU B 157 5.88 -2.65 17.43
CA LEU B 157 4.44 -2.82 17.66
C LEU B 157 4.16 -4.04 18.52
N GLY B 158 4.96 -5.10 18.40
CA GLY B 158 4.76 -6.29 19.19
C GLY B 158 5.21 -6.21 20.61
N VAL B 159 5.83 -5.08 21.00
CA VAL B 159 6.40 -4.93 22.32
C VAL B 159 5.71 -3.85 23.14
N TYR B 160 5.13 -2.83 22.51
CA TYR B 160 4.49 -1.72 23.21
C TYR B 160 3.00 -1.69 22.89
N PRO B 161 2.14 -2.14 23.79
CA PRO B 161 0.70 -2.17 23.46
C PRO B 161 0.12 -0.81 23.10
N ALA B 162 0.62 0.27 23.70
CA ALA B 162 0.16 1.60 23.31
C ALA B 162 0.48 1.88 21.85
N GLU B 163 1.62 1.37 21.37
CA GLU B 163 2.00 1.57 19.98
C GLU B 163 1.16 0.70 19.04
N PHE B 164 0.90 -0.54 19.43
CA PHE B 164 0.03 -1.39 18.62
C PHE B 164 -1.38 -0.80 18.54
N PHE B 165 -1.89 -0.27 19.65
CA PHE B 165 -3.20 0.36 19.60
C PHE B 165 -3.20 1.55 18.65
N ALA B 166 -2.21 2.43 18.79
CA ALA B 166 -2.20 3.66 17.98
C ALA B 166 -2.09 3.33 16.50
N GLU B 167 -1.23 2.38 16.14
CA GLU B 167 -1.06 2.04 14.73
C GLU B 167 -2.28 1.32 14.18
N SER B 168 -2.88 0.43 14.98
N SER B 168 -2.89 0.44 14.98
CA SER B 168 -4.12 -0.22 14.56
CA SER B 168 -4.12 -0.22 14.53
C SER B 168 -5.21 0.80 14.34
C SER B 168 -5.24 0.80 14.35
N PHE B 169 -5.39 1.72 15.30
CA PHE B 169 -6.35 2.80 15.16
C PHE B 169 -6.12 3.56 13.85
N ALA B 170 -4.85 3.86 13.55
CA ALA B 170 -4.53 4.58 12.33
C ALA B 170 -4.90 3.76 11.10
N TYR B 171 -4.56 2.46 11.10
CA TYR B 171 -4.99 1.59 10.00
C TYR B 171 -6.51 1.61 9.86
N TYR B 172 -7.22 1.59 10.99
CA TYR B 172 -8.67 1.48 10.95
C TYR B 172 -9.30 2.66 10.22
N TYR B 173 -8.75 3.86 10.41
CA TYR B 173 -9.41 5.08 9.94
C TYR B 173 -8.76 5.77 8.75
N LEU B 174 -7.53 5.39 8.35
CA LEU B 174 -6.87 6.14 7.29
C LEU B 174 -7.63 6.03 5.96
N ASN B 175 -7.79 4.81 5.46
CA ASN B 175 -8.51 4.60 4.21
C ASN B 175 -8.94 3.13 4.11
N GLN B 176 -9.64 2.81 3.02
CA GLN B 176 -10.19 1.47 2.85
C GLN B 176 -9.09 0.42 2.72
N ASP B 177 -7.97 0.76 2.09
CA ASP B 177 -6.88 -0.20 1.95
C ASP B 177 -6.36 -0.62 3.32
N THR B 178 -6.06 0.34 4.18
CA THR B 178 -5.51 0.02 5.49
C THR B 178 -6.57 -0.59 6.40
N ASN B 179 -7.81 -0.12 6.30
CA ASN B 179 -8.88 -0.72 7.09
C ASN B 179 -9.05 -2.20 6.75
N SER B 180 -9.04 -2.52 5.45
N SER B 180 -9.04 -2.52 5.45
CA SER B 180 -9.19 -3.91 5.04
CA SER B 180 -9.20 -3.92 5.05
C SER B 180 -7.99 -4.74 5.45
C SER B 180 -7.99 -4.74 5.45
N LYS B 181 -6.78 -4.19 5.32
CA LYS B 181 -5.59 -4.93 5.73
C LYS B 181 -5.64 -5.26 7.20
N LEU B 182 -6.05 -4.30 8.03
CA LEU B 182 -6.17 -4.56 9.46
C LEU B 182 -7.18 -5.67 9.72
N LYS B 183 -8.33 -5.63 9.05
CA LYS B 183 -9.35 -6.64 9.27
C LYS B 183 -8.82 -8.04 8.96
N SER B 184 -7.98 -8.15 7.93
N SER B 184 -7.99 -8.16 7.92
CA SER B 184 -7.45 -9.47 7.56
CA SER B 184 -7.43 -9.45 7.56
C SER B 184 -6.30 -9.88 8.46
C SER B 184 -6.31 -9.86 8.49
N ALA B 185 -5.42 -8.93 8.83
CA ALA B 185 -4.24 -9.26 9.61
C ALA B 185 -4.56 -9.38 11.10
N CYS B 186 -5.43 -8.51 11.63
CA CYS B 186 -5.68 -8.42 13.06
C CYS B 186 -7.19 -8.37 13.32
N PRO B 187 -7.87 -9.50 13.10
CA PRO B 187 -9.35 -9.48 13.23
C PRO B 187 -9.84 -9.14 14.62
N GLN B 188 -9.17 -9.61 15.68
CA GLN B 188 -9.64 -9.29 17.03
C GLN B 188 -9.41 -7.83 17.36
N THR B 189 -8.26 -7.28 16.95
CA THR B 189 -8.04 -5.85 17.09
C THR B 189 -9.06 -5.06 16.31
N TYR B 190 -9.35 -5.50 15.07
CA TYR B 190 -10.34 -4.82 14.25
C TYR B 190 -11.70 -4.80 14.94
N SER B 191 -12.15 -5.96 15.43
CA SER B 191 -13.43 -6.02 16.12
C SER B 191 -13.42 -5.15 17.38
N PHE B 192 -12.29 -5.11 18.08
CA PHE B 192 -12.19 -4.29 19.29
C PHE B 192 -12.43 -2.81 18.95
N LEU B 193 -11.76 -2.32 17.91
CA LEU B 193 -11.96 -0.93 17.49
C LEU B 193 -13.38 -0.72 16.97
N GLN B 194 -13.89 -1.68 16.21
CA GLN B 194 -15.27 -1.59 15.74
C GLN B 194 -16.24 -1.49 16.91
N ASN B 195 -16.02 -2.29 17.96
N ASN B 195 -16.01 -2.30 17.95
CA ASN B 195 -16.89 -2.20 19.13
CA ASN B 195 -16.82 -2.26 19.15
C ASN B 195 -16.66 -0.92 19.90
C ASN B 195 -16.66 -0.94 19.89
N LEU B 196 -15.46 -0.34 19.82
CA LEU B 196 -15.22 0.94 20.48
C LEU B 196 -16.07 2.04 19.85
N ALA B 197 -16.23 2.00 18.52
CA ALA B 197 -16.94 3.04 17.79
C ALA B 197 -18.45 2.84 17.79
N LYS B 198 -18.94 1.70 18.26
CA LYS B 198 -20.38 1.47 18.32
C LYS B 198 -21.00 2.35 19.39
C ACE C 1 -9.60 -11.19 -25.73
O ACE C 1 -9.99 -10.02 -25.76
CH3 ACE C 1 -9.42 -11.98 -27.00
H1 ACE C 1 -9.22 -11.31 -27.82
H2 ACE C 1 -10.33 -12.55 -27.20
H3 ACE C 1 -8.58 -12.67 -26.88
N GLU C 2 -9.31 -11.78 -24.57
CA GLU C 2 -9.49 -11.05 -23.33
C GLU C 2 -8.39 -10.02 -23.08
N VAL C 3 -8.79 -8.95 -22.42
CA VAL C 3 -7.91 -7.83 -22.11
C VAL C 3 -8.03 -7.53 -20.62
N ASN C 4 -6.91 -7.22 -19.98
CA ASN C 4 -6.91 -6.84 -18.57
C ASN C 4 -5.97 -5.65 -18.43
N PRO C 5 -6.37 -4.61 -17.71
CA PRO C 5 -5.49 -3.46 -17.51
C PRO C 5 -4.61 -3.66 -16.29
N PRO C 6 -3.65 -2.77 -16.07
CA PRO C 6 -2.87 -2.80 -14.82
C PRO C 6 -3.69 -2.20 -13.68
N VAL C 7 -3.06 -2.12 -12.51
CA VAL C 7 -3.69 -1.49 -11.37
C VAL C 7 -3.83 0.01 -11.63
O LPD C 8 -4.25 2.36 -9.37
C LPD C 8 -4.31 2.76 -10.52
N2 LPD C 8 -3.65 3.84 -10.92
CA LPD C 8 -5.14 2.01 -11.53
N LPD C 8 -5.00 0.58 -11.38
CD LPD C 8 -6.23 0.03 -10.85
CG LPD C 8 -7.33 1.05 -11.13
CB LPD C 8 -6.61 2.37 -11.39
HN21 LPD C 8 -3.08 4.36 -10.27
HN22 LPD C 8 -3.70 4.14 -11.88
HA LPD C 8 -4.79 2.33 -12.52
HD3 LPD C 8 -6.47 -0.93 -11.32
HD2 LPD C 8 -6.15 -0.14 -9.77
HG3 LPD C 8 -7.91 0.76 -12.01
HG2 LPD C 8 -8.02 1.14 -10.30
HB2 LPD C 8 -6.98 2.85 -12.29
HB3 LPD C 8 -6.77 3.06 -10.55
C ACE D 1 3.24 13.44 29.59
O ACE D 1 4.45 13.46 29.29
CH3 ACE D 1 2.60 14.57 30.32
H1 ACE D 1 3.09 15.51 30.07
H2 ACE D 1 2.68 14.40 31.41
H3 ACE D 1 1.54 14.63 30.04
N GLU D 2 2.47 12.40 29.27
CA GLU D 2 3.06 11.27 28.57
C GLU D 2 3.27 11.61 27.09
N VAL D 3 4.35 11.06 26.55
CA VAL D 3 4.74 11.28 25.17
C VAL D 3 5.01 9.91 24.54
N ASN D 4 4.58 9.75 23.29
CA ASN D 4 4.82 8.52 22.57
C ASN D 4 5.31 8.86 21.15
N PRO D 5 6.35 8.20 20.67
CA PRO D 5 6.83 8.48 19.32
C PRO D 5 6.08 7.66 18.30
N PRO D 6 6.30 7.92 17.02
CA PRO D 6 5.73 7.06 15.97
C PRO D 6 6.55 5.80 15.82
N VAL D 7 6.13 4.96 14.88
CA VAL D 7 6.86 3.74 14.57
C VAL D 7 8.22 4.11 13.96
O LPD D 8 10.14 2.21 12.19
C LPD D 8 10.64 3.29 12.47
N2 LPD D 8 11.21 4.06 11.54
CA LPD D 8 10.59 3.79 13.88
N LPD D 8 9.30 3.54 14.49
CD LPD D 8 9.43 2.51 15.50
CG LPD D 8 10.91 2.47 15.90
CB LPD D 8 11.66 3.13 14.75
HN21 LPD D 8 11.25 3.75 10.58
HN22 LPD D 8 11.60 4.95 11.80
HA LPD D 8 10.80 4.87 13.83
HD3 LPD D 8 8.80 2.74 16.37
HD2 LPD D 8 9.11 1.54 15.11
HG3 LPD D 8 11.07 3.01 16.83
HG2 LPD D 8 11.25 1.44 16.04
HB2 LPD D 8 12.37 3.88 15.12
HB3 LPD D 8 12.22 2.39 14.18
ZN ZN E . 3.65 5.57 18.66
#